data_8J67
#
_entry.id   8J67
#
_cell.length_a   82.588
_cell.length_b   183.389
_cell.length_c   84.927
_cell.angle_alpha   90.000
_cell.angle_beta   90.000
_cell.angle_gamma   90.000
#
_symmetry.space_group_name_H-M   'C 2 2 21'
#
loop_
_entity.id
_entity.type
_entity.pdbx_description
1 polymer 'MIC2-associated protein'
2 water water
#
_entity_poly.entity_id   1
_entity_poly.type   'polypeptide(L)'
_entity_poly.pdbx_seq_one_letter_code
;SNATFLELVEVPCNSVHVQGVMTPNQMVKVTGAGWDNGVLEFYVTRPTKTGGDTSRSHLASIMCYSKDIDGVPSDKAGKC
FLKRFSGEDSSEIDEKEVSLPIKSHNDAFMFVCSSNDGSALQCDVFALDNTNSNDGWKVNTVDLGVSVSPDLAFGLTADG
VKVKKLYASSGLTAINDDPSLGCKA
;
_entity_poly.pdbx_strand_id   A,B,C
#
# COMPACT_ATOMS: atom_id res chain seq x y z
N PHE A 5 -19.13 12.33 -7.39
CA PHE A 5 -18.24 11.29 -7.92
C PHE A 5 -18.97 9.96 -8.01
N LEU A 6 -18.89 9.32 -9.17
CA LEU A 6 -19.70 8.14 -9.49
C LEU A 6 -21.16 8.59 -9.41
N GLU A 7 -22.02 7.90 -8.66
CA GLU A 7 -23.46 8.15 -8.64
C GLU A 7 -23.84 8.70 -7.26
N LEU A 8 -23.66 10.01 -7.09
CA LEU A 8 -24.00 10.68 -5.83
C LEU A 8 -25.35 11.38 -5.96
N VAL A 9 -26.21 11.12 -4.99
CA VAL A 9 -27.55 11.69 -4.93
C VAL A 9 -27.62 12.64 -3.75
N GLU A 10 -28.23 13.81 -3.97
CA GLU A 10 -28.36 14.76 -2.87
C GLU A 10 -29.24 14.17 -1.77
N VAL A 11 -28.84 14.41 -0.52
CA VAL A 11 -29.63 14.04 0.66
C VAL A 11 -30.37 15.29 1.11
N PRO A 12 -31.70 15.31 1.10
CA PRO A 12 -32.42 16.58 1.29
C PRO A 12 -32.53 17.00 2.74
N CYS A 13 -31.45 16.80 3.50
CA CYS A 13 -31.44 17.01 4.93
C CYS A 13 -30.23 17.85 5.34
N ASN A 14 -30.09 18.03 6.64
CA ASN A 14 -29.02 18.83 7.22
C ASN A 14 -27.78 18.00 7.55
N SER A 15 -27.90 16.69 7.60
CA SER A 15 -26.79 15.78 7.88
C SER A 15 -27.10 14.47 7.17
N VAL A 16 -26.09 13.59 7.08
CA VAL A 16 -26.24 12.32 6.39
C VAL A 16 -26.21 11.23 7.45
N HIS A 17 -27.35 10.59 7.66
CA HIS A 17 -27.47 9.49 8.59
C HIS A 17 -27.63 8.22 7.76
N VAL A 18 -26.67 7.33 7.88
CA VAL A 18 -26.71 6.08 7.15
C VAL A 18 -27.59 5.10 7.88
N GLN A 19 -28.43 4.37 7.15
CA GLN A 19 -29.15 3.23 7.73
C GLN A 19 -28.26 2.00 7.59
N GLY A 20 -27.98 1.34 8.71
CA GLY A 20 -27.09 0.19 8.68
C GLY A 20 -25.63 0.57 8.52
N VAL A 21 -24.87 -0.38 7.99
CA VAL A 21 -23.43 -0.21 7.85
C VAL A 21 -23.12 0.32 6.46
N MET A 22 -21.97 0.99 6.33
CA MET A 22 -21.52 1.40 5.01
C MET A 22 -20.84 0.22 4.36
N THR A 23 -21.35 -0.23 3.22
CA THR A 23 -20.59 -1.26 2.53
C THR A 23 -19.33 -0.58 1.97
N PRO A 24 -18.31 -1.35 1.62
CA PRO A 24 -17.13 -0.74 1.01
C PRO A 24 -17.46 -0.03 -0.30
N ASN A 25 -16.78 1.10 -0.52
CA ASN A 25 -16.85 1.97 -1.69
C ASN A 25 -18.11 2.85 -1.79
N GLN A 26 -19.01 2.85 -0.82
CA GLN A 26 -19.97 3.94 -0.94
C GLN A 26 -19.39 5.18 -0.29
N MET A 27 -19.98 6.32 -0.65
CA MET A 27 -19.44 7.62 -0.27
C MET A 27 -20.53 8.50 0.31
N VAL A 28 -20.12 9.39 1.22
CA VAL A 28 -20.96 10.52 1.62
C VAL A 28 -20.16 11.79 1.37
N LYS A 29 -20.86 12.85 0.99
CA LYS A 29 -20.22 14.11 0.62
C LYS A 29 -20.94 15.25 1.33
N VAL A 30 -20.14 16.13 1.94
CA VAL A 30 -20.64 17.32 2.63
C VAL A 30 -19.88 18.51 2.08
N THR A 31 -20.62 19.52 1.58
CA THR A 31 -20.00 20.69 0.97
C THR A 31 -20.56 21.98 1.57
N GLY A 32 -19.74 23.03 1.50
CA GLY A 32 -20.13 24.36 1.93
C GLY A 32 -19.26 25.40 1.27
N ALA A 33 -19.72 26.66 1.31
CA ALA A 33 -18.98 27.75 0.71
C ALA A 33 -18.11 28.50 1.71
N GLY A 34 -18.16 28.13 2.98
CA GLY A 34 -17.46 28.78 4.06
C GLY A 34 -18.37 28.91 5.25
N TRP A 35 -17.90 29.66 6.25
CA TRP A 35 -18.68 29.86 7.46
C TRP A 35 -18.34 31.23 8.04
N ASP A 36 -19.16 31.67 8.99
CA ASP A 36 -19.13 33.07 9.41
C ASP A 36 -18.05 33.37 10.45
N ASN A 37 -17.87 32.49 11.44
CA ASN A 37 -17.13 32.78 12.66
C ASN A 37 -16.88 31.48 13.41
N GLY A 38 -15.85 31.51 14.28
CA GLY A 38 -15.52 30.33 15.09
C GLY A 38 -14.83 29.23 14.30
N VAL A 39 -14.92 28.00 14.86
CA VAL A 39 -14.30 26.80 14.31
C VAL A 39 -15.27 26.11 13.36
N LEU A 40 -14.72 25.47 12.33
CA LEU A 40 -15.53 24.56 11.52
C LEU A 40 -15.33 23.16 12.06
N GLU A 41 -16.43 22.48 12.38
CA GLU A 41 -16.32 21.09 12.82
C GLU A 41 -17.09 20.15 11.90
N PHE A 42 -16.37 19.21 11.31
CA PHE A 42 -16.95 18.06 10.62
C PHE A 42 -17.05 16.91 11.61
N TYR A 43 -18.26 16.36 11.79
CA TYR A 43 -18.43 15.27 12.75
C TYR A 43 -18.86 13.96 12.12
N VAL A 44 -18.45 12.86 12.77
CA VAL A 44 -18.99 11.52 12.55
C VAL A 44 -19.47 11.04 13.91
N THR A 45 -20.76 10.71 14.01
CA THR A 45 -21.33 10.19 15.24
C THR A 45 -21.84 8.77 15.02
N ARG A 46 -22.07 8.07 16.13
CA ARG A 46 -22.62 6.72 16.12
C ARG A 46 -23.64 6.59 17.23
N PRO A 47 -24.56 5.61 17.12
CA PRO A 47 -25.50 5.36 18.22
C PRO A 47 -24.76 4.88 19.45
N THR A 48 -25.24 5.31 20.62
CA THR A 48 -24.56 5.01 21.88
C THR A 48 -24.95 3.62 22.35
N LYS A 49 -23.98 2.71 22.35
CA LYS A 49 -24.17 1.35 22.84
C LYS A 49 -22.83 0.70 23.18
N ASP A 53 -29.57 6.30 26.19
CA ASP A 53 -30.70 5.58 25.61
C ASP A 53 -31.07 6.18 24.25
N THR A 54 -30.75 5.44 23.18
CA THR A 54 -30.95 5.85 21.80
C THR A 54 -30.36 7.24 21.52
N SER A 55 -29.35 7.64 22.28
CA SER A 55 -28.63 8.88 22.01
C SER A 55 -27.46 8.60 21.08
N ARG A 56 -26.72 9.64 20.73
CA ARG A 56 -25.59 9.51 19.83
C ARG A 56 -24.36 10.12 20.49
N SER A 57 -23.20 9.66 20.06
CA SER A 57 -21.93 10.12 20.58
C SER A 57 -20.99 10.34 19.41
N HIS A 58 -20.08 11.31 19.57
CA HIS A 58 -19.06 11.51 18.56
C HIS A 58 -18.18 10.28 18.40
N LEU A 59 -17.92 9.91 17.15
CA LEU A 59 -16.88 8.95 16.83
C LEU A 59 -15.59 9.63 16.42
N ALA A 60 -15.67 10.69 15.61
CA ALA A 60 -14.47 11.41 15.18
C ALA A 60 -14.90 12.82 14.83
N SER A 61 -13.94 13.73 14.85
CA SER A 61 -14.22 15.14 14.66
C SER A 61 -13.05 15.75 13.90
N ILE A 62 -13.32 16.65 12.96
CA ILE A 62 -12.26 17.47 12.36
C ILE A 62 -12.63 18.92 12.64
N MET A 63 -11.73 19.64 13.28
CA MET A 63 -11.97 21.00 13.72
C MET A 63 -10.95 21.87 13.01
N CYS A 64 -11.42 22.86 12.26
CA CYS A 64 -10.56 23.73 11.46
C CYS A 64 -10.70 25.17 11.95
N TYR A 65 -9.56 25.77 12.27
CA TYR A 65 -9.51 27.13 12.79
C TYR A 65 -9.10 28.06 11.65
N SER A 66 -9.84 29.13 11.46
CA SER A 66 -9.57 30.08 10.39
C SER A 66 -8.30 30.86 10.66
N LYS A 67 -7.51 31.07 9.63
CA LYS A 67 -6.36 31.95 9.71
C LYS A 67 -6.74 33.41 9.63
N ASP A 68 -8.03 33.71 9.40
CA ASP A 68 -8.47 35.06 9.09
C ASP A 68 -9.38 35.63 10.16
N ILE A 69 -9.32 35.10 11.37
CA ILE A 69 -10.12 35.62 12.47
C ILE A 69 -9.16 36.05 13.57
N ASP A 70 -9.24 37.33 13.92
CA ASP A 70 -8.38 37.91 14.93
C ASP A 70 -8.59 37.22 16.28
N GLY A 71 -7.47 36.91 16.95
CA GLY A 71 -7.50 36.36 18.28
C GLY A 71 -7.36 34.85 18.35
N VAL A 72 -7.49 34.14 17.23
CA VAL A 72 -7.24 32.70 17.27
C VAL A 72 -5.77 32.45 17.62
N PRO A 73 -5.46 31.59 18.59
CA PRO A 73 -4.07 31.34 18.97
C PRO A 73 -3.16 31.01 17.79
N SER A 74 -1.92 31.48 17.88
CA SER A 74 -0.96 31.22 16.81
C SER A 74 -0.73 29.73 16.58
N ASP A 75 -0.93 28.90 17.60
CA ASP A 75 -0.73 27.47 17.38
C ASP A 75 -1.97 26.78 16.83
N LYS A 76 -3.08 27.52 16.64
CA LYS A 76 -4.29 26.96 16.02
C LYS A 76 -4.67 27.60 14.68
N ALA A 77 -4.37 28.89 14.48
CA ALA A 77 -4.87 29.63 13.32
C ALA A 77 -4.49 28.96 12.00
N GLY A 78 -5.48 28.75 11.13
CA GLY A 78 -5.24 28.10 9.85
C GLY A 78 -4.92 26.64 9.90
N LYS A 79 -5.13 25.98 11.04
CA LYS A 79 -4.81 24.57 11.21
C LYS A 79 -6.10 23.78 11.45
N CYS A 80 -6.01 22.48 11.15
CA CYS A 80 -7.09 21.54 11.38
C CYS A 80 -6.61 20.40 12.28
N PHE A 81 -7.53 19.86 13.06
CA PHE A 81 -7.22 18.85 14.07
C PHE A 81 -8.23 17.72 14.02
N LEU A 82 -7.72 16.50 14.10
CA LEU A 82 -8.56 15.31 14.11
C LEU A 82 -8.62 14.76 15.53
N LYS A 83 -9.84 14.70 16.06
CA LYS A 83 -10.13 14.13 17.37
C LYS A 83 -10.78 12.77 17.15
N ARG A 84 -10.24 11.72 17.80
CA ARG A 84 -10.82 10.39 17.73
C ARG A 84 -11.44 10.02 19.07
N PHE A 85 -12.52 9.25 19.01
CA PHE A 85 -13.28 8.86 20.18
C PHE A 85 -13.43 7.35 20.20
N SER A 86 -13.53 6.78 21.39
CA SER A 86 -13.58 5.33 21.51
C SER A 86 -14.96 4.82 21.09
N GLY A 87 -14.98 3.82 20.20
CA GLY A 87 -16.21 3.21 19.75
C GLY A 87 -16.90 2.31 20.76
N GLU A 88 -16.46 2.34 22.02
CA GLU A 88 -17.02 1.53 23.09
C GLU A 88 -17.62 2.37 24.21
N ASP A 89 -16.87 3.32 24.76
CA ASP A 89 -17.35 4.16 25.86
C ASP A 89 -17.46 5.63 25.48
N SER A 90 -17.34 5.97 24.19
CA SER A 90 -17.40 7.35 23.69
C SER A 90 -16.33 8.24 24.28
N SER A 91 -15.25 7.64 24.79
CA SER A 91 -14.14 8.38 25.36
C SER A 91 -13.24 8.93 24.27
N GLU A 92 -12.70 10.14 24.49
CA GLU A 92 -11.71 10.69 23.56
C GLU A 92 -10.40 9.92 23.65
N ILE A 93 -9.95 9.40 22.51
CA ILE A 93 -8.65 8.75 22.43
C ILE A 93 -7.52 9.77 22.33
N ASP A 94 -7.54 10.62 21.29
CA ASP A 94 -6.47 11.59 21.08
C ASP A 94 -6.91 12.69 20.12
N GLU A 95 -6.14 13.78 20.13
CA GLU A 95 -6.24 14.84 19.14
C GLU A 95 -4.91 14.94 18.41
N LYS A 96 -4.95 15.34 17.15
CA LYS A 96 -3.76 15.39 16.32
C LYS A 96 -3.96 16.39 15.19
N GLU A 97 -2.97 17.25 14.97
CA GLU A 97 -3.00 18.12 13.79
C GLU A 97 -3.00 17.28 12.52
N VAL A 98 -3.83 17.66 11.56
CA VAL A 98 -3.89 16.96 10.27
C VAL A 98 -3.73 17.99 9.16
N SER A 99 -3.06 17.60 8.08
CA SER A 99 -2.78 18.52 6.99
C SER A 99 -3.96 18.49 6.02
N LEU A 100 -4.73 19.58 5.99
CA LEU A 100 -5.90 19.74 5.15
C LEU A 100 -5.85 21.08 4.45
N PRO A 101 -6.47 21.21 3.26
CA PRO A 101 -6.40 22.47 2.51
C PRO A 101 -7.31 23.58 3.03
N ILE A 102 -8.16 23.32 4.00
CA ILE A 102 -9.00 24.36 4.58
C ILE A 102 -8.15 25.22 5.51
N LYS A 103 -7.98 26.52 5.16
CA LYS A 103 -7.18 27.46 5.95
C LYS A 103 -8.00 28.60 6.55
N SER A 104 -9.19 28.83 6.03
CA SER A 104 -9.91 30.04 6.38
C SER A 104 -11.40 29.78 6.29
N HIS A 105 -12.14 30.54 7.09
CA HIS A 105 -13.59 30.47 7.11
C HIS A 105 -14.22 31.06 5.86
N ASN A 106 -13.44 31.70 4.99
CA ASN A 106 -13.94 32.17 3.71
C ASN A 106 -13.72 31.18 2.57
N ASP A 107 -13.06 30.04 2.83
CA ASP A 107 -12.83 29.01 1.82
C ASP A 107 -14.11 28.21 1.52
N ALA A 108 -14.27 27.81 0.26
CA ALA A 108 -15.24 26.78 -0.06
C ALA A 108 -14.60 25.41 0.20
N PHE A 109 -15.43 24.42 0.54
CA PHE A 109 -14.85 23.14 0.95
C PHE A 109 -15.79 21.97 0.67
N MET A 110 -15.20 20.76 0.61
CA MET A 110 -15.99 19.54 0.55
C MET A 110 -15.31 18.45 1.35
N PHE A 111 -16.13 17.66 2.05
CA PHE A 111 -15.65 16.43 2.70
C PHE A 111 -16.28 15.24 1.98
N VAL A 112 -15.44 14.29 1.54
CA VAL A 112 -15.94 13.12 0.82
C VAL A 112 -15.36 11.91 1.57
N CYS A 113 -16.24 11.15 2.23
CA CYS A 113 -15.81 10.12 3.16
C CYS A 113 -16.29 8.77 2.68
N SER A 114 -15.44 7.77 2.85
CA SER A 114 -15.82 6.43 2.43
C SER A 114 -14.97 5.46 3.23
N SER A 115 -15.36 4.19 3.13
CA SER A 115 -14.58 3.07 3.67
C SER A 115 -14.17 2.16 2.52
N ASN A 116 -12.86 1.97 2.36
CA ASN A 116 -12.38 1.12 1.28
C ASN A 116 -12.74 -0.34 1.47
N ASP A 117 -12.77 -0.80 2.72
CA ASP A 117 -12.97 -2.23 2.95
C ASP A 117 -14.07 -2.51 3.98
N GLY A 118 -14.92 -1.53 4.27
CA GLY A 118 -15.95 -1.68 5.26
C GLY A 118 -15.48 -1.51 6.69
N SER A 119 -14.18 -1.36 6.89
CA SER A 119 -13.61 -1.21 8.23
C SER A 119 -13.15 0.20 8.52
N ALA A 120 -12.17 0.73 7.79
CA ALA A 120 -11.59 2.03 8.13
C ALA A 120 -12.33 3.17 7.39
N LEU A 121 -12.43 4.33 8.04
CA LEU A 121 -13.05 5.49 7.44
C LEU A 121 -11.98 6.50 7.04
N GLN A 122 -12.04 6.99 5.80
CA GLN A 122 -11.14 8.07 5.41
C GLN A 122 -11.94 9.12 4.65
N CYS A 123 -11.43 10.35 4.63
CA CYS A 123 -12.11 11.43 3.93
C CYS A 123 -11.12 12.19 3.06
N ASP A 124 -11.56 12.50 1.84
CA ASP A 124 -10.92 13.49 0.99
C ASP A 124 -11.50 14.85 1.36
N VAL A 125 -10.63 15.81 1.68
CA VAL A 125 -11.05 17.16 2.06
C VAL A 125 -10.55 18.09 0.96
N PHE A 126 -11.48 18.70 0.25
CA PHE A 126 -11.20 19.64 -0.82
C PHE A 126 -11.41 21.05 -0.30
N ALA A 127 -10.57 21.98 -0.75
CA ALA A 127 -10.83 23.37 -0.41
C ALA A 127 -10.41 24.27 -1.56
N LEU A 128 -11.15 25.37 -1.73
CA LEU A 128 -10.73 26.45 -2.61
C LEU A 128 -10.38 27.64 -1.72
N ASP A 129 -9.07 27.92 -1.60
CA ASP A 129 -8.58 28.93 -0.66
C ASP A 129 -9.11 30.29 -1.09
N ASN A 130 -9.90 30.92 -0.21
CA ASN A 130 -10.49 32.20 -0.55
C ASN A 130 -9.42 33.29 -0.65
N THR A 131 -8.46 33.30 0.30
CA THR A 131 -7.44 34.34 0.31
C THR A 131 -6.60 34.33 -0.95
N ASN A 132 -6.62 33.26 -1.72
CA ASN A 132 -6.15 33.28 -3.10
C ASN A 132 -6.95 32.21 -3.85
N SER A 133 -8.17 32.59 -4.25
CA SER A 133 -9.06 31.73 -5.03
C SER A 133 -8.61 31.58 -6.47
N ASN A 134 -7.50 32.23 -6.86
CA ASN A 134 -7.00 32.13 -8.23
C ASN A 134 -6.16 30.88 -8.46
N ASP A 135 -5.52 30.31 -7.43
CA ASP A 135 -5.23 28.88 -7.52
C ASP A 135 -6.51 28.11 -7.59
N GLY A 136 -6.38 26.88 -8.05
CA GLY A 136 -7.51 26.00 -8.13
C GLY A 136 -7.77 25.32 -6.81
N TRP A 137 -8.69 24.38 -6.87
CA TRP A 137 -8.98 23.48 -5.75
C TRP A 137 -7.75 22.69 -5.30
N LYS A 138 -7.69 22.39 -4.00
CA LYS A 138 -6.67 21.55 -3.43
C LYS A 138 -7.39 20.41 -2.70
N VAL A 139 -6.70 19.29 -2.50
CA VAL A 139 -7.28 18.17 -1.75
C VAL A 139 -6.18 17.48 -0.95
N ASN A 140 -6.51 17.07 0.28
CA ASN A 140 -5.72 16.08 1.03
C ASN A 140 -6.66 15.02 1.56
N THR A 141 -6.13 13.82 1.74
CA THR A 141 -6.89 12.71 2.30
C THR A 141 -6.46 12.52 3.75
N VAL A 142 -7.41 12.18 4.61
CA VAL A 142 -7.14 11.98 6.05
C VAL A 142 -7.80 10.65 6.46
N ASP A 143 -7.03 9.77 7.10
CA ASP A 143 -7.63 8.57 7.67
C ASP A 143 -8.18 8.96 9.04
N LEU A 144 -9.48 8.72 9.25
CA LEU A 144 -10.02 9.17 10.53
C LEU A 144 -9.57 8.29 11.71
N GLY A 145 -8.95 7.14 11.45
CA GLY A 145 -8.45 6.29 12.53
C GLY A 145 -9.52 5.69 13.41
N VAL A 146 -10.73 5.48 12.86
CA VAL A 146 -11.83 4.83 13.55
C VAL A 146 -12.43 3.83 12.58
N SER A 147 -13.23 2.89 13.12
CA SER A 147 -13.84 1.88 12.27
C SER A 147 -15.33 2.17 12.02
N VAL A 148 -15.80 1.73 10.85
CA VAL A 148 -17.22 1.77 10.52
C VAL A 148 -18.01 0.94 11.52
N SER A 149 -19.15 1.50 11.98
CA SER A 149 -20.19 0.94 12.85
C SER A 149 -21.49 1.05 12.07
N PRO A 150 -22.58 0.41 12.51
CA PRO A 150 -23.88 0.71 11.87
C PRO A 150 -24.36 2.11 12.22
N ASP A 151 -25.11 2.71 11.30
CA ASP A 151 -25.88 3.93 11.55
C ASP A 151 -24.97 5.14 11.86
N LEU A 152 -23.90 5.27 11.11
CA LEU A 152 -23.04 6.44 11.21
C LEU A 152 -23.77 7.67 10.69
N ALA A 153 -23.48 8.84 11.30
CA ALA A 153 -23.96 10.13 10.81
C ALA A 153 -22.80 11.08 10.54
N PHE A 154 -22.93 11.89 9.48
CA PHE A 154 -21.89 12.80 9.01
C PHE A 154 -22.49 14.19 8.88
N GLY A 155 -21.79 15.22 9.33
CA GLY A 155 -22.34 16.56 9.17
C GLY A 155 -21.35 17.63 9.59
N LEU A 156 -21.85 18.87 9.59
CA LEU A 156 -21.04 20.03 9.96
C LEU A 156 -21.68 20.75 11.15
N THR A 157 -20.83 21.23 12.06
CA THR A 157 -21.28 22.08 13.17
C THR A 157 -20.48 23.36 13.06
N ALA A 158 -21.16 24.48 12.81
CA ALA A 158 -20.45 25.75 12.64
C ALA A 158 -21.41 26.93 12.62
N ASP A 159 -20.87 28.09 12.94
CA ASP A 159 -21.59 29.37 12.91
C ASP A 159 -21.71 29.81 11.46
N GLY A 160 -22.87 29.57 10.86
CA GLY A 160 -23.20 30.11 9.55
C GLY A 160 -22.54 29.50 8.33
N VAL A 161 -22.60 28.18 8.17
CA VAL A 161 -22.05 27.55 6.97
C VAL A 161 -22.79 28.04 5.73
N LYS A 162 -22.03 28.40 4.69
CA LYS A 162 -22.64 28.95 3.49
C LYS A 162 -22.93 27.84 2.48
N VAL A 163 -24.19 27.77 2.00
CA VAL A 163 -24.61 26.84 0.95
C VAL A 163 -24.21 25.41 1.28
N LYS A 164 -24.66 24.91 2.41
CA LYS A 164 -24.38 23.54 2.81
C LYS A 164 -25.23 22.58 1.98
N LYS A 165 -24.59 21.60 1.33
CA LYS A 165 -25.32 20.55 0.63
C LYS A 165 -24.71 19.18 0.93
N LEU A 166 -25.55 18.15 0.84
CA LEU A 166 -25.20 16.79 1.27
C LEU A 166 -25.60 15.79 0.21
N TYR A 167 -24.76 14.76 0.04
CA TYR A 167 -24.92 13.73 -0.97
C TYR A 167 -24.47 12.40 -0.41
N ALA A 168 -25.02 11.32 -0.96
CA ALA A 168 -24.54 9.98 -0.65
C ALA A 168 -24.64 9.10 -1.89
N SER A 169 -23.82 8.04 -1.90
CA SER A 169 -23.89 7.03 -2.95
C SER A 169 -25.31 6.52 -3.09
N SER A 170 -25.69 6.24 -4.34
CA SER A 170 -26.98 5.61 -4.63
C SER A 170 -27.26 4.41 -3.72
N GLY A 171 -26.31 3.48 -3.63
CA GLY A 171 -26.52 2.24 -2.88
C GLY A 171 -26.50 2.38 -1.37
N LEU A 172 -26.23 3.57 -0.87
CA LEU A 172 -26.31 3.83 0.56
C LEU A 172 -27.76 4.15 0.93
N THR A 173 -28.21 3.61 2.07
CA THR A 173 -29.52 3.92 2.62
C THR A 173 -29.32 5.13 3.53
N ALA A 174 -29.73 6.30 3.07
CA ALA A 174 -29.61 7.51 3.86
C ALA A 174 -31.00 7.95 4.30
N ILE A 175 -31.14 8.24 5.60
CA ILE A 175 -32.40 8.80 6.11
C ILE A 175 -32.73 10.04 5.30
N ASN A 176 -33.92 10.07 4.69
CA ASN A 176 -34.31 11.25 3.94
C ASN A 176 -35.66 11.79 4.36
N ASP A 177 -36.21 11.32 5.49
CA ASP A 177 -37.55 11.73 5.88
C ASP A 177 -37.68 11.97 7.37
N ASP A 178 -36.59 12.30 8.05
CA ASP A 178 -36.69 12.56 9.49
C ASP A 178 -36.68 14.06 9.68
N PRO A 179 -37.78 14.66 10.12
CA PRO A 179 -37.83 16.13 10.24
C PRO A 179 -36.82 16.70 11.21
N SER A 180 -36.31 15.89 12.15
CA SER A 180 -35.34 16.37 13.13
C SER A 180 -33.94 16.53 12.53
N LEU A 181 -33.67 15.86 11.41
CA LEU A 181 -32.47 16.05 10.61
C LEU A 181 -32.63 17.14 9.57
N GLY A 182 -33.66 17.98 9.70
CA GLY A 182 -34.02 18.94 8.69
C GLY A 182 -34.37 18.37 7.34
N CYS A 183 -34.80 17.10 7.27
CA CYS A 183 -35.18 16.55 5.98
C CYS A 183 -36.43 17.27 5.44
N LYS A 184 -36.38 17.65 4.17
CA LYS A 184 -37.50 18.36 3.52
C LYS A 184 -37.47 18.11 2.02
N PHE B 5 15.29 4.27 -22.62
CA PHE B 5 15.28 3.61 -21.32
C PHE B 5 16.71 3.30 -20.83
N LEU B 6 17.50 2.67 -21.69
CA LEU B 6 18.84 2.27 -21.28
C LEU B 6 19.86 3.40 -21.30
N GLU B 7 19.46 4.63 -21.67
CA GLU B 7 20.36 5.78 -21.59
C GLU B 7 20.02 6.62 -20.36
N LEU B 8 21.00 6.75 -19.47
CA LEU B 8 20.85 7.43 -18.20
C LEU B 8 21.33 8.87 -18.32
N VAL B 9 20.66 9.76 -17.63
CA VAL B 9 20.98 11.16 -17.65
C VAL B 9 21.30 11.55 -16.22
N GLU B 10 22.41 12.24 -16.01
CA GLU B 10 22.78 12.63 -14.67
C GLU B 10 21.75 13.61 -14.11
N VAL B 11 21.40 13.42 -12.84
CA VAL B 11 20.46 14.27 -12.12
C VAL B 11 21.30 15.17 -11.22
N PRO B 12 21.34 16.52 -11.46
CA PRO B 12 22.30 17.40 -10.78
C PRO B 12 21.83 17.83 -9.40
N CYS B 13 21.36 16.88 -8.61
CA CYS B 13 20.81 17.12 -7.29
C CYS B 13 21.36 16.08 -6.32
N ASN B 14 20.95 16.20 -5.06
N ASN B 14 20.96 16.21 -5.06
CA ASN B 14 21.34 15.27 -4.00
CA ASN B 14 21.34 15.28 -4.00
C ASN B 14 20.45 14.04 -3.91
C ASN B 14 20.49 14.01 -3.98
N SER B 15 19.30 14.04 -4.57
CA SER B 15 18.42 12.87 -4.59
C SER B 15 17.67 12.89 -5.92
N VAL B 16 17.03 11.77 -6.27
CA VAL B 16 16.29 11.66 -7.52
C VAL B 16 14.81 11.66 -7.18
N HIS B 17 14.09 12.72 -7.56
CA HIS B 17 12.64 12.83 -7.29
C HIS B 17 11.94 12.70 -8.64
N VAL B 18 11.20 11.60 -8.81
CA VAL B 18 10.52 11.33 -10.08
C VAL B 18 9.27 12.19 -10.13
N GLN B 19 9.00 12.76 -11.31
CA GLN B 19 7.79 13.54 -11.59
C GLN B 19 6.79 12.57 -12.22
N GLY B 20 5.76 12.16 -11.46
CA GLY B 20 4.81 11.24 -12.07
C GLY B 20 5.16 9.77 -11.86
N VAL B 21 4.83 8.94 -12.84
CA VAL B 21 4.79 7.48 -12.67
C VAL B 21 6.02 6.88 -13.33
N MET B 22 6.58 5.87 -12.69
CA MET B 22 7.75 5.17 -13.18
C MET B 22 7.22 3.96 -13.94
N THR B 23 7.55 3.81 -15.21
CA THR B 23 7.00 2.66 -15.93
C THR B 23 8.07 1.59 -16.06
N PRO B 24 7.69 0.33 -16.37
CA PRO B 24 8.62 -0.78 -16.18
C PRO B 24 9.93 -0.58 -16.92
N ASN B 25 11.02 -0.91 -16.20
CA ASN B 25 12.42 -0.93 -16.65
C ASN B 25 13.05 0.47 -16.82
N GLN B 26 12.29 1.57 -16.71
CA GLN B 26 12.91 2.88 -16.51
C GLN B 26 13.74 2.84 -15.22
N MET B 27 14.93 3.42 -15.24
CA MET B 27 15.83 3.18 -14.11
C MET B 27 16.20 4.46 -13.35
N VAL B 28 16.52 4.29 -12.06
CA VAL B 28 17.17 5.33 -11.27
C VAL B 28 18.45 4.73 -10.74
N LYS B 29 19.55 5.49 -10.79
CA LYS B 29 20.85 4.92 -10.43
C LYS B 29 21.52 5.86 -9.45
N VAL B 30 22.06 5.29 -8.37
CA VAL B 30 22.74 6.06 -7.34
C VAL B 30 24.07 5.37 -7.08
N THR B 31 25.17 6.13 -7.13
CA THR B 31 26.50 5.52 -6.96
C THR B 31 27.30 6.29 -5.92
N GLY B 32 28.23 5.58 -5.26
CA GLY B 32 29.20 6.21 -4.38
C GLY B 32 30.46 5.39 -4.29
N ALA B 33 31.53 6.01 -3.81
CA ALA B 33 32.82 5.31 -3.73
C ALA B 33 33.08 4.73 -2.35
N GLY B 34 32.14 4.88 -1.43
CA GLY B 34 32.26 4.46 -0.04
C GLY B 34 31.55 5.47 0.84
N TRP B 35 31.52 5.23 2.16
CA TRP B 35 31.10 6.23 3.15
C TRP B 35 32.03 6.19 4.37
N ASP B 36 31.82 7.12 5.30
CA ASP B 36 32.79 7.36 6.39
C ASP B 36 32.55 6.49 7.61
N ASN B 37 31.30 6.36 8.05
CA ASN B 37 30.97 5.64 9.27
C ASN B 37 29.46 5.41 9.30
N GLY B 38 29.02 4.60 10.24
CA GLY B 38 27.62 4.31 10.36
C GLY B 38 27.12 3.41 9.23
N VAL B 39 25.82 3.24 9.23
CA VAL B 39 25.15 2.38 8.25
C VAL B 39 24.96 3.18 6.96
N LEU B 40 25.03 2.49 5.83
CA LEU B 40 24.62 3.06 4.56
C LEU B 40 23.14 2.79 4.40
N GLU B 41 22.35 3.83 4.14
CA GLU B 41 20.93 3.59 3.87
C GLU B 41 20.60 4.13 2.48
N PHE B 42 20.07 3.26 1.63
CA PHE B 42 19.49 3.67 0.36
C PHE B 42 17.99 3.77 0.59
N TYR B 43 17.40 4.95 0.34
CA TYR B 43 15.99 5.12 0.67
C TYR B 43 15.12 5.34 -0.53
N VAL B 44 13.85 4.97 -0.37
CA VAL B 44 12.79 5.25 -1.33
C VAL B 44 11.65 5.84 -0.51
N THR B 45 11.14 6.99 -0.93
CA THR B 45 10.01 7.60 -0.24
C THR B 45 8.90 7.87 -1.25
N ARG B 46 7.70 8.10 -0.72
CA ARG B 46 6.55 8.38 -1.58
CA ARG B 46 6.59 8.43 -1.62
C ARG B 46 5.77 9.52 -0.96
N PRO B 47 4.85 10.16 -1.70
CA PRO B 47 3.96 11.15 -1.09
C PRO B 47 3.12 10.47 -0.02
N THR B 48 2.98 11.14 1.11
CA THR B 48 2.14 10.62 2.17
C THR B 48 0.73 10.44 1.63
N LYS B 49 0.17 9.25 1.85
CA LYS B 49 -1.19 8.96 1.38
C LYS B 49 -2.23 9.70 2.19
N THR B 50 -1.92 9.97 3.46
CA THR B 50 -2.80 10.64 4.41
C THR B 50 -2.04 11.83 4.99
N GLY B 51 -1.81 12.85 4.17
CA GLY B 51 -1.03 13.98 4.64
C GLY B 51 -1.07 15.18 3.71
N GLY B 52 -0.09 16.04 3.87
CA GLY B 52 0.03 17.25 3.08
C GLY B 52 0.55 16.99 1.67
N ASP B 53 0.62 18.07 0.88
CA ASP B 53 1.01 17.98 -0.53
C ASP B 53 2.51 17.78 -0.72
N THR B 54 3.33 18.32 0.19
CA THR B 54 4.77 18.16 0.12
C THR B 54 5.28 17.11 1.11
N SER B 55 4.38 16.55 1.92
CA SER B 55 4.74 15.59 2.95
C SER B 55 5.04 14.23 2.33
N ARG B 56 6.05 13.55 2.87
CA ARG B 56 6.54 12.33 2.29
C ARG B 56 6.69 11.25 3.35
N SER B 57 6.54 10.00 2.94
CA SER B 57 6.56 8.84 3.82
C SER B 57 7.63 7.85 3.33
N HIS B 58 8.31 7.20 4.26
CA HIS B 58 9.25 6.13 3.90
C HIS B 58 8.52 4.96 3.28
N LEU B 59 9.04 4.44 2.17
CA LEU B 59 8.42 3.30 1.48
C LEU B 59 9.26 2.04 1.61
N ALA B 60 10.55 2.13 1.31
CA ALA B 60 11.45 1.00 1.48
C ALA B 60 12.86 1.54 1.57
N SER B 61 13.71 0.86 2.34
CA SER B 61 15.11 1.22 2.44
C SER B 61 15.95 -0.05 2.39
N ILE B 62 17.18 0.08 1.88
CA ILE B 62 18.19 -0.97 2.03
C ILE B 62 19.22 -0.41 2.98
N MET B 63 19.45 -1.11 4.09
CA MET B 63 20.41 -0.76 5.11
C MET B 63 21.59 -1.72 5.08
N CYS B 64 22.82 -1.18 5.01
CA CYS B 64 24.00 -2.04 4.97
C CYS B 64 24.97 -1.62 6.05
N TYR B 65 25.42 -2.61 6.84
CA TYR B 65 26.30 -2.39 7.97
C TYR B 65 27.70 -2.85 7.60
N SER B 66 28.70 -2.00 7.87
CA SER B 66 30.07 -2.28 7.49
C SER B 66 30.68 -3.39 8.33
N LYS B 67 31.49 -4.24 7.69
CA LYS B 67 32.26 -5.24 8.43
C LYS B 67 33.56 -4.69 9.00
N ASP B 68 33.86 -3.41 8.77
CA ASP B 68 35.15 -2.82 9.08
C ASP B 68 35.04 -1.66 10.07
N ILE B 69 33.94 -1.57 10.80
CA ILE B 69 33.76 -0.53 11.80
C ILE B 69 33.63 -1.22 13.14
N ASP B 70 34.49 -0.85 14.08
CA ASP B 70 34.45 -1.45 15.41
C ASP B 70 33.16 -1.07 16.13
N GLY B 71 32.53 -2.07 16.77
CA GLY B 71 31.35 -1.83 17.57
C GLY B 71 30.02 -2.10 16.87
N VAL B 72 30.01 -2.35 15.57
CA VAL B 72 28.73 -2.80 14.99
C VAL B 72 28.44 -4.21 15.49
N PRO B 73 27.22 -4.51 15.90
CA PRO B 73 26.93 -5.84 16.43
C PRO B 73 27.26 -6.95 15.45
N SER B 74 27.55 -8.13 16.02
CA SER B 74 27.97 -9.28 15.24
C SER B 74 26.91 -9.75 14.27
N ASP B 75 25.63 -9.59 14.62
CA ASP B 75 24.53 -10.01 13.76
C ASP B 75 24.19 -8.99 12.68
N LYS B 76 24.90 -7.87 12.63
CA LYS B 76 24.70 -6.90 11.56
C LYS B 76 25.94 -6.65 10.72
N ALA B 77 27.14 -6.78 11.28
CA ALA B 77 28.39 -6.54 10.57
C ALA B 77 28.43 -7.24 9.22
N GLY B 78 28.60 -6.45 8.16
CA GLY B 78 28.75 -6.98 6.82
C GLY B 78 27.46 -7.47 6.18
N LYS B 79 26.31 -7.15 6.76
CA LYS B 79 25.04 -7.65 6.25
C LYS B 79 24.16 -6.48 5.80
N CYS B 80 23.17 -6.81 4.97
CA CYS B 80 22.22 -5.82 4.47
C CYS B 80 20.81 -6.29 4.75
N PHE B 81 19.88 -5.32 4.80
CA PHE B 81 18.51 -5.56 5.24
C PHE B 81 17.56 -4.74 4.41
N LEU B 82 16.44 -5.33 4.06
CA LEU B 82 15.34 -4.59 3.46
C LEU B 82 14.42 -4.11 4.58
N LYS B 83 14.19 -2.80 4.62
CA LYS B 83 13.41 -2.18 5.68
C LYS B 83 12.13 -1.66 5.05
N ARG B 84 10.98 -2.04 5.63
CA ARG B 84 9.72 -1.52 5.11
C ARG B 84 8.89 -1.03 6.29
N PHE B 85 7.75 -0.42 5.98
CA PHE B 85 7.05 0.36 6.99
C PHE B 85 5.58 0.01 7.00
N SER B 86 4.92 0.39 8.08
CA SER B 86 3.48 0.22 8.16
C SER B 86 2.86 1.43 8.86
N GLY B 87 1.63 1.76 8.45
CA GLY B 87 0.84 2.81 9.06
C GLY B 87 1.33 4.21 8.79
N GLU B 88 2.23 4.37 7.82
CA GLU B 88 2.91 5.63 7.53
C GLU B 88 3.72 6.08 8.74
N ASP B 89 4.19 5.11 9.50
CA ASP B 89 4.95 5.32 10.72
C ASP B 89 6.37 4.90 10.41
N SER B 90 7.30 5.88 10.39
CA SER B 90 8.71 5.57 10.18
C SER B 90 9.32 4.79 11.33
N SER B 91 8.58 4.61 12.43
CA SER B 91 9.00 3.74 13.52
C SER B 91 8.37 2.35 13.47
N GLU B 92 7.25 2.16 12.74
CA GLU B 92 6.67 0.82 12.52
C GLU B 92 7.41 0.04 11.42
N ILE B 93 8.53 -0.57 11.80
CA ILE B 93 9.54 -1.03 10.84
C ILE B 93 9.54 -2.55 10.79
N ASP B 94 9.58 -3.11 9.59
CA ASP B 94 9.88 -4.52 9.35
C ASP B 94 11.26 -4.59 8.71
N GLU B 95 12.14 -5.45 9.22
CA GLU B 95 13.49 -5.59 8.67
C GLU B 95 13.71 -7.03 8.23
N LYS B 96 14.14 -7.20 6.99
CA LYS B 96 14.36 -8.53 6.42
C LYS B 96 15.79 -8.63 5.89
N GLU B 97 16.58 -9.57 6.42
CA GLU B 97 17.93 -9.73 5.89
C GLU B 97 17.87 -10.18 4.43
N VAL B 98 18.73 -9.58 3.61
CA VAL B 98 18.78 -9.85 2.17
C VAL B 98 20.23 -10.05 1.76
N SER B 99 20.42 -10.77 0.68
CA SER B 99 21.77 -11.10 0.21
C SER B 99 22.17 -10.09 -0.84
N LEU B 100 23.16 -9.26 -0.49
CA LEU B 100 23.66 -8.18 -1.33
C LEU B 100 25.19 -8.13 -1.22
N PRO B 101 25.86 -7.55 -2.21
CA PRO B 101 27.33 -7.62 -2.25
C PRO B 101 28.07 -6.55 -1.45
N ILE B 102 27.39 -5.54 -0.92
CA ILE B 102 28.05 -4.50 -0.12
C ILE B 102 28.40 -5.08 1.24
N LYS B 103 29.68 -5.03 1.61
CA LYS B 103 30.16 -5.58 2.87
C LYS B 103 30.81 -4.57 3.78
N SER B 104 31.33 -3.46 3.24
CA SER B 104 32.21 -2.56 3.97
C SER B 104 31.95 -1.14 3.54
N HIS B 105 32.21 -0.20 4.46
CA HIS B 105 32.11 1.23 4.13
C HIS B 105 33.21 1.68 3.20
N ASN B 106 34.23 0.84 2.95
CA ASN B 106 35.26 1.16 1.98
C ASN B 106 34.93 0.66 0.56
N ASP B 107 33.84 -0.09 0.40
CA ASP B 107 33.38 -0.57 -0.90
C ASP B 107 32.83 0.58 -1.74
N ALA B 108 33.16 0.60 -3.03
CA ALA B 108 32.34 1.34 -3.98
C ALA B 108 31.03 0.60 -4.20
N PHE B 109 29.96 1.35 -4.54
CA PHE B 109 28.66 0.71 -4.60
C PHE B 109 27.78 1.43 -5.61
N MET B 110 26.71 0.77 -6.04
CA MET B 110 25.81 1.34 -7.05
C MET B 110 24.45 0.72 -6.74
N PHE B 111 23.37 1.51 -6.84
CA PHE B 111 22.00 0.98 -6.71
C PHE B 111 21.32 1.36 -8.01
N VAL B 112 20.69 0.39 -8.70
CA VAL B 112 20.01 0.66 -9.94
C VAL B 112 18.60 0.11 -9.79
N CYS B 113 17.63 0.98 -9.70
CA CYS B 113 16.31 0.46 -9.34
C CYS B 113 15.29 0.73 -10.43
N SER B 114 14.32 -0.17 -10.60
CA SER B 114 13.35 -0.03 -11.68
C SER B 114 12.14 -0.87 -11.32
N SER B 115 11.04 -0.63 -12.04
CA SER B 115 9.83 -1.46 -11.92
C SER B 115 9.92 -2.70 -12.79
N ASN B 116 9.34 -3.83 -12.31
CA ASN B 116 9.14 -4.97 -13.20
C ASN B 116 7.80 -4.78 -13.91
N ASP B 117 7.42 -5.77 -14.73
CA ASP B 117 6.17 -5.63 -15.48
C ASP B 117 4.95 -5.73 -14.58
N GLY B 118 5.08 -6.39 -13.42
CA GLY B 118 4.11 -6.48 -12.33
C GLY B 118 4.03 -5.25 -11.46
N SER B 119 4.78 -4.19 -11.81
CA SER B 119 4.75 -2.85 -11.20
C SER B 119 5.24 -2.83 -9.76
N ALA B 120 6.14 -3.73 -9.40
CA ALA B 120 6.86 -3.71 -8.12
C ALA B 120 8.30 -3.24 -8.34
N LEU B 121 8.87 -2.60 -7.31
CA LEU B 121 10.23 -2.06 -7.40
C LEU B 121 11.25 -3.16 -7.11
N GLN B 122 12.32 -3.20 -7.90
CA GLN B 122 13.43 -4.08 -7.67
C GLN B 122 14.68 -3.25 -7.82
N CYS B 123 15.74 -3.64 -7.13
N CYS B 123 15.76 -3.70 -7.20
CA CYS B 123 17.02 -2.94 -7.25
CA CYS B 123 17.00 -2.96 -7.26
C CYS B 123 18.13 -3.94 -7.51
C CYS B 123 18.17 -3.90 -7.46
N ASP B 124 19.03 -3.56 -8.41
CA ASP B 124 20.33 -4.22 -8.57
C ASP B 124 21.29 -3.49 -7.65
N VAL B 125 21.96 -4.21 -6.78
CA VAL B 125 22.91 -3.61 -5.87
C VAL B 125 24.28 -4.13 -6.24
N PHE B 126 25.23 -3.22 -6.48
CA PHE B 126 26.57 -3.53 -6.97
C PHE B 126 27.57 -3.13 -5.89
N ALA B 127 28.67 -3.90 -5.76
CA ALA B 127 29.74 -3.52 -4.86
C ALA B 127 31.09 -3.93 -5.44
N LEU B 128 32.09 -3.11 -5.16
CA LEU B 128 33.47 -3.35 -5.58
C LEU B 128 34.33 -3.29 -4.32
N ASP B 129 35.01 -4.40 -4.01
CA ASP B 129 35.97 -4.45 -2.91
C ASP B 129 37.31 -3.93 -3.43
N ASN B 130 37.65 -2.69 -3.11
CA ASN B 130 38.85 -2.09 -3.64
C ASN B 130 40.12 -2.60 -2.96
N THR B 131 40.02 -3.38 -1.90
CA THR B 131 41.21 -3.99 -1.34
C THR B 131 41.64 -5.27 -2.08
N ASN B 132 40.79 -5.84 -2.91
CA ASN B 132 41.09 -7.06 -3.64
C ASN B 132 41.26 -6.64 -5.09
N SER B 133 42.51 -6.50 -5.53
CA SER B 133 42.78 -6.10 -6.90
C SER B 133 42.44 -7.19 -7.89
N ASN B 134 42.14 -8.41 -7.43
CA ASN B 134 42.05 -9.56 -8.29
C ASN B 134 40.65 -9.98 -8.64
N ASP B 135 39.64 -9.30 -8.11
CA ASP B 135 38.25 -9.61 -8.37
C ASP B 135 37.47 -8.30 -8.53
N GLY B 136 36.40 -8.35 -9.30
CA GLY B 136 35.77 -7.09 -9.71
C GLY B 136 34.40 -6.88 -9.09
N TRP B 137 33.55 -6.19 -9.84
CA TRP B 137 32.22 -5.86 -9.35
C TRP B 137 31.40 -7.12 -9.10
N LYS B 138 30.54 -7.07 -8.07
CA LYS B 138 29.56 -8.10 -7.79
C LYS B 138 28.18 -7.42 -7.74
N VAL B 139 27.14 -8.15 -8.14
CA VAL B 139 25.80 -7.57 -8.17
C VAL B 139 24.80 -8.63 -7.68
N ASN B 140 23.76 -8.17 -6.98
CA ASN B 140 22.60 -9.02 -6.69
C ASN B 140 21.37 -8.17 -6.95
N THR B 141 20.31 -8.82 -7.41
CA THR B 141 19.01 -8.15 -7.57
C THR B 141 18.18 -8.44 -6.32
N VAL B 142 17.54 -7.42 -5.76
CA VAL B 142 16.66 -7.64 -4.61
C VAL B 142 15.26 -7.10 -4.93
N ASP B 143 14.24 -7.85 -4.53
CA ASP B 143 12.86 -7.35 -4.54
C ASP B 143 12.62 -6.44 -3.36
N LEU B 144 12.25 -5.17 -3.63
CA LEU B 144 11.93 -4.29 -2.50
C LEU B 144 10.56 -4.58 -1.94
N GLY B 145 9.71 -5.27 -2.69
CA GLY B 145 8.45 -5.71 -2.09
C GLY B 145 7.54 -4.56 -1.77
N VAL B 146 7.56 -3.52 -2.61
CA VAL B 146 6.64 -2.40 -2.60
C VAL B 146 6.28 -2.11 -4.03
N SER B 147 5.11 -1.47 -4.22
CA SER B 147 4.66 -1.13 -5.55
C SER B 147 5.29 0.20 -5.99
N VAL B 148 5.48 0.34 -7.29
CA VAL B 148 5.72 1.67 -7.85
C VAL B 148 4.48 2.50 -7.56
N SER B 149 4.69 3.79 -7.39
CA SER B 149 3.67 4.78 -7.03
C SER B 149 4.12 6.07 -7.69
N PRO B 150 3.22 7.05 -7.90
CA PRO B 150 3.69 8.33 -8.48
C PRO B 150 4.62 9.06 -7.52
N ASP B 151 5.55 9.84 -8.11
CA ASP B 151 6.37 10.77 -7.36
C ASP B 151 7.29 10.11 -6.32
N LEU B 152 7.81 8.92 -6.65
CA LEU B 152 8.82 8.31 -5.79
C LEU B 152 10.07 9.19 -5.72
N ALA B 153 10.80 9.08 -4.58
CA ALA B 153 12.11 9.70 -4.46
C ALA B 153 13.13 8.66 -3.97
N PHE B 154 14.39 8.83 -4.40
CA PHE B 154 15.45 7.87 -4.14
C PHE B 154 16.70 8.63 -3.72
N GLY B 155 17.39 8.12 -2.70
CA GLY B 155 18.63 8.76 -2.34
C GLY B 155 19.38 7.95 -1.29
N LEU B 156 20.40 8.58 -0.69
CA LEU B 156 21.19 7.93 0.33
C LEU B 156 21.13 8.73 1.63
N THR B 157 21.05 8.03 2.74
CA THR B 157 21.21 8.60 4.07
C THR B 157 22.45 7.95 4.68
N ALA B 158 23.54 8.70 4.73
CA ALA B 158 24.79 8.12 5.23
C ALA B 158 25.78 9.24 5.53
N ASP B 159 26.69 8.94 6.46
CA ASP B 159 27.74 9.86 6.87
C ASP B 159 28.89 9.79 5.86
N GLY B 160 29.09 10.85 5.09
CA GLY B 160 30.31 10.99 4.30
C GLY B 160 30.42 10.13 3.06
N VAL B 161 29.33 9.96 2.32
CA VAL B 161 29.42 9.24 1.06
C VAL B 161 30.40 9.96 0.15
N LYS B 162 31.26 9.18 -0.51
CA LYS B 162 32.28 9.72 -1.41
C LYS B 162 31.79 9.72 -2.85
N VAL B 163 31.95 10.86 -3.53
CA VAL B 163 31.64 10.97 -4.95
C VAL B 163 30.24 10.46 -5.28
N LYS B 164 29.24 10.93 -4.54
CA LYS B 164 27.87 10.53 -4.79
C LYS B 164 27.41 11.05 -6.16
N LYS B 165 26.86 10.15 -6.99
CA LYS B 165 26.36 10.50 -8.32
C LYS B 165 24.96 9.92 -8.49
N LEU B 166 24.12 10.62 -9.26
CA LEU B 166 22.72 10.19 -9.40
C LEU B 166 22.30 10.36 -10.86
N TYR B 167 21.52 9.39 -11.35
CA TYR B 167 21.08 9.33 -12.73
C TYR B 167 19.65 8.84 -12.79
N ALA B 168 19.00 9.13 -13.91
CA ALA B 168 17.69 8.55 -14.20
C ALA B 168 17.54 8.38 -15.70
N SER B 169 16.82 7.32 -16.10
CA SER B 169 16.52 7.06 -17.49
C SER B 169 15.95 8.30 -18.16
N SER B 170 16.28 8.47 -19.44
CA SER B 170 15.94 9.70 -20.14
C SER B 170 14.44 9.97 -20.13
N GLY B 171 13.62 8.96 -20.42
CA GLY B 171 12.17 9.14 -20.42
C GLY B 171 11.51 9.33 -19.07
N LEU B 172 12.26 9.22 -17.98
CA LEU B 172 11.72 9.41 -16.64
C LEU B 172 11.93 10.87 -16.26
N THR B 173 10.86 11.55 -15.88
CA THR B 173 10.97 12.98 -15.59
C THR B 173 11.42 13.13 -14.15
N ALA B 174 12.57 13.76 -13.94
CA ALA B 174 13.16 13.93 -12.62
C ALA B 174 13.25 15.41 -12.31
N ILE B 175 13.02 15.78 -11.05
CA ILE B 175 13.22 17.17 -10.64
C ILE B 175 14.69 17.55 -10.75
N ASN B 176 14.99 18.70 -11.34
CA ASN B 176 16.37 19.13 -11.43
C ASN B 176 16.56 20.60 -11.07
N ASP B 177 15.57 21.24 -10.45
CA ASP B 177 15.70 22.66 -10.15
C ASP B 177 15.18 23.06 -8.76
N ASP B 178 14.99 22.12 -7.85
CA ASP B 178 14.53 22.45 -6.50
C ASP B 178 15.77 22.70 -5.61
N PRO B 179 15.99 23.92 -5.12
CA PRO B 179 17.17 24.15 -4.26
C PRO B 179 17.13 23.34 -2.98
N SER B 180 15.95 22.86 -2.57
CA SER B 180 15.92 22.09 -1.33
C SER B 180 16.48 20.70 -1.53
N LEU B 181 16.58 20.25 -2.77
CA LEU B 181 17.18 18.95 -3.06
C LEU B 181 18.63 19.11 -3.51
N GLY B 182 19.21 20.30 -3.29
CA GLY B 182 20.55 20.59 -3.72
C GLY B 182 20.74 20.61 -5.22
N CYS B 183 19.68 20.90 -5.98
CA CYS B 183 19.82 20.92 -7.43
C CYS B 183 20.66 22.11 -7.86
N LYS B 184 21.52 21.89 -8.85
CA LYS B 184 22.40 22.93 -9.41
C LYS B 184 21.81 23.39 -10.74
N THR C 4 -16.77 -7.69 10.31
CA THR C 4 -17.73 -8.43 9.50
C THR C 4 -17.34 -8.40 8.01
N PHE C 5 -17.04 -7.22 7.47
CA PHE C 5 -16.62 -7.12 6.08
C PHE C 5 -15.21 -7.69 5.86
N LEU C 6 -14.44 -7.89 6.94
CA LEU C 6 -13.11 -8.49 6.86
C LEU C 6 -13.11 -10.00 7.08
N GLU C 7 -14.15 -10.56 7.67
CA GLU C 7 -14.14 -12.00 7.87
C GLU C 7 -14.14 -12.72 6.53
N LEU C 8 -13.49 -13.87 6.48
CA LEU C 8 -13.45 -14.64 5.25
C LEU C 8 -14.79 -15.31 5.03
N VAL C 9 -15.22 -15.34 3.78
CA VAL C 9 -16.42 -16.07 3.38
C VAL C 9 -16.04 -16.96 2.22
N GLU C 10 -16.60 -18.16 2.19
CA GLU C 10 -16.28 -19.09 1.11
C GLU C 10 -16.75 -18.54 -0.23
N VAL C 11 -15.90 -18.71 -1.24
CA VAL C 11 -16.19 -18.31 -2.62
C VAL C 11 -16.64 -19.56 -3.37
N PRO C 12 -17.92 -19.65 -3.82
CA PRO C 12 -18.41 -20.94 -4.34
C PRO C 12 -17.96 -21.23 -5.76
N CYS C 13 -16.76 -20.80 -6.12
CA CYS C 13 -16.24 -20.92 -7.48
C CYS C 13 -14.92 -21.66 -7.45
N ASN C 14 -14.35 -21.89 -8.63
CA ASN C 14 -13.06 -22.55 -8.73
C ASN C 14 -11.88 -21.61 -8.56
N SER C 15 -12.13 -20.32 -8.46
CA SER C 15 -11.05 -19.35 -8.24
C SER C 15 -11.69 -18.08 -7.72
N VAL C 16 -10.86 -17.18 -7.18
CA VAL C 16 -11.33 -15.98 -6.51
C VAL C 16 -10.98 -14.80 -7.40
N HIS C 17 -12.00 -14.22 -8.03
CA HIS C 17 -11.83 -13.00 -8.86
C HIS C 17 -12.32 -11.80 -8.08
N VAL C 18 -11.39 -11.00 -7.64
CA VAL C 18 -11.66 -9.85 -6.81
C VAL C 18 -12.08 -8.70 -7.71
N GLN C 19 -13.04 -7.91 -7.26
CA GLN C 19 -13.38 -6.67 -7.95
C GLN C 19 -12.78 -5.51 -7.17
N GLY C 20 -12.01 -4.67 -7.86
CA GLY C 20 -11.35 -3.57 -7.21
C GLY C 20 -9.93 -3.89 -6.81
N VAL C 21 -9.39 -3.06 -5.91
CA VAL C 21 -8.03 -3.18 -5.40
C VAL C 21 -8.12 -3.62 -3.95
N MET C 22 -7.50 -4.75 -3.61
CA MET C 22 -7.47 -5.11 -2.21
C MET C 22 -6.70 -4.11 -1.35
N THR C 23 -7.26 -3.82 -0.17
CA THR C 23 -6.59 -3.06 0.88
C THR C 23 -5.77 -4.00 1.76
N PRO C 24 -4.84 -3.44 2.54
CA PRO C 24 -4.01 -4.27 3.43
C PRO C 24 -4.79 -5.09 4.45
N ASN C 25 -6.05 -4.76 4.73
CA ASN C 25 -6.86 -5.52 5.68
C ASN C 25 -7.61 -6.68 5.02
N GLN C 26 -7.63 -6.73 3.71
CA GLN C 26 -8.38 -7.75 2.99
C GLN C 26 -7.47 -8.92 2.61
N MET C 27 -8.09 -10.07 2.32
CA MET C 27 -7.24 -11.22 2.03
C MET C 27 -8.01 -12.22 1.21
N VAL C 28 -7.26 -13.07 0.51
CA VAL C 28 -7.82 -14.22 -0.19
C VAL C 28 -7.11 -15.44 0.34
N LYS C 29 -7.86 -16.54 0.46
CA LYS C 29 -7.28 -17.75 1.03
C LYS C 29 -7.67 -18.94 0.17
N VAL C 30 -6.71 -19.82 -0.12
CA VAL C 30 -6.94 -20.99 -0.95
C VAL C 30 -6.37 -22.19 -0.22
N THR C 31 -7.14 -23.26 -0.08
CA THR C 31 -6.65 -24.40 0.67
C THR C 31 -6.88 -25.70 -0.08
N GLY C 32 -6.09 -26.72 0.26
CA GLY C 32 -6.24 -28.02 -0.36
C GLY C 32 -5.64 -29.07 0.55
N ALA C 33 -6.05 -30.31 0.35
CA ALA C 33 -5.57 -31.40 1.20
C ALA C 33 -4.39 -32.16 0.62
N GLY C 34 -3.93 -31.77 -0.54
CA GLY C 34 -2.85 -32.42 -1.27
C GLY C 34 -3.19 -32.40 -2.74
N TRP C 35 -2.36 -33.06 -3.57
CA TRP C 35 -2.64 -33.18 -5.00
C TRP C 35 -2.02 -34.48 -5.51
N ASP C 36 -2.33 -34.84 -6.75
CA ASP C 36 -2.11 -36.24 -7.11
C ASP C 36 -0.78 -36.49 -7.83
N ASN C 37 -0.42 -35.64 -8.79
CA ASN C 37 0.92 -35.71 -9.38
C ASN C 37 1.22 -34.38 -10.05
N GLY C 38 2.46 -34.26 -10.51
CA GLY C 38 2.89 -33.04 -11.14
C GLY C 38 3.15 -31.95 -10.11
N VAL C 39 3.31 -30.71 -10.62
CA VAL C 39 3.60 -29.56 -9.77
C VAL C 39 2.30 -28.97 -9.26
N LEU C 40 2.38 -28.37 -8.06
CA LEU C 40 1.30 -27.55 -7.56
C LEU C 40 1.61 -26.12 -7.98
N GLU C 41 0.64 -25.47 -8.62
CA GLU C 41 0.76 -24.05 -8.99
C GLU C 41 -0.34 -23.23 -8.33
N PHE C 42 0.05 -22.32 -7.47
CA PHE C 42 -0.85 -21.27 -7.00
C PHE C 42 -0.65 -20.06 -7.89
N TYR C 43 -1.72 -19.60 -8.56
CA TYR C 43 -1.55 -18.55 -9.54
C TYR C 43 -2.26 -17.25 -9.14
N VAL C 44 -1.70 -16.16 -9.63
CA VAL C 44 -2.34 -14.85 -9.56
C VAL C 44 -2.37 -14.28 -10.96
N THR C 45 -3.55 -13.83 -11.41
CA THR C 45 -3.64 -13.17 -12.71
C THR C 45 -4.19 -11.75 -12.56
N ARG C 46 -4.01 -10.97 -13.61
CA ARG C 46 -4.59 -9.64 -13.67
C ARG C 46 -5.13 -9.38 -15.07
N PRO C 47 -6.00 -8.37 -15.21
CA PRO C 47 -6.45 -7.95 -16.56
C PRO C 47 -5.25 -7.64 -17.45
N THR C 48 -5.39 -8.00 -18.72
CA THR C 48 -4.30 -7.79 -19.66
C THR C 48 -4.07 -6.30 -19.89
N LYS C 49 -2.82 -5.93 -20.13
CA LYS C 49 -2.47 -4.57 -20.53
C LYS C 49 -2.69 -4.35 -22.01
N THR C 50 -3.09 -5.39 -22.74
CA THR C 50 -3.29 -5.26 -24.19
C THR C 50 -4.54 -4.42 -24.43
N GLY C 51 -4.38 -3.29 -25.12
CA GLY C 51 -5.49 -2.38 -25.28
C GLY C 51 -6.64 -3.03 -26.04
N GLY C 52 -7.86 -2.68 -25.64
CA GLY C 52 -9.04 -3.26 -26.25
C GLY C 52 -9.12 -4.77 -26.12
N ASP C 53 -8.77 -5.29 -24.95
CA ASP C 53 -8.70 -6.72 -24.71
C ASP C 53 -9.31 -7.01 -23.33
N THR C 54 -10.11 -8.07 -23.24
CA THR C 54 -10.78 -8.44 -22.00
C THR C 54 -10.19 -9.71 -21.37
N SER C 55 -9.09 -10.23 -21.90
CA SER C 55 -8.54 -11.46 -21.35
C SER C 55 -7.71 -11.15 -20.10
N ARG C 56 -7.14 -12.20 -19.51
CA ARG C 56 -6.32 -12.08 -18.32
C ARG C 56 -4.87 -12.39 -18.65
N SER C 57 -3.97 -11.87 -17.84
CA SER C 57 -2.56 -12.16 -17.99
C SER C 57 -2.03 -12.74 -16.68
N HIS C 58 -1.07 -13.66 -16.82
CA HIS C 58 -0.37 -14.19 -15.65
C HIS C 58 0.40 -13.08 -14.96
N LEU C 59 0.25 -12.98 -13.64
CA LEU C 59 1.02 -11.97 -12.89
C LEU C 59 2.10 -12.60 -12.00
N ALA C 60 1.76 -13.65 -11.23
CA ALA C 60 2.75 -14.30 -10.38
C ALA C 60 2.21 -15.68 -10.02
N SER C 61 3.10 -16.66 -9.90
CA SER C 61 2.69 -17.99 -9.45
C SER C 61 3.68 -18.49 -8.40
N ILE C 62 3.21 -19.37 -7.53
CA ILE C 62 4.09 -20.17 -6.67
C ILE C 62 3.98 -21.61 -7.16
N MET C 63 5.13 -22.21 -7.50
CA MET C 63 5.21 -23.57 -8.03
C MET C 63 5.96 -24.41 -7.04
N CYS C 64 5.37 -25.51 -6.62
CA CYS C 64 6.00 -26.41 -5.66
C CYS C 64 6.08 -27.80 -6.27
N TYR C 65 7.26 -28.42 -6.16
CA TYR C 65 7.50 -29.75 -6.66
C TYR C 65 7.56 -30.74 -5.51
N SER C 66 6.90 -31.88 -5.67
CA SER C 66 6.87 -32.89 -4.61
C SER C 66 8.23 -33.54 -4.40
N LYS C 67 8.56 -33.81 -3.14
CA LYS C 67 9.70 -34.67 -2.85
C LYS C 67 9.35 -36.15 -2.93
N ASP C 68 8.07 -36.49 -3.15
CA ASP C 68 7.63 -37.89 -3.09
C ASP C 68 7.16 -38.43 -4.44
N ILE C 69 7.53 -37.81 -5.56
CA ILE C 69 7.15 -38.32 -6.87
C ILE C 69 8.38 -38.76 -7.64
N ASP C 70 8.31 -39.97 -8.21
CA ASP C 70 9.39 -40.56 -8.98
C ASP C 70 9.70 -39.69 -10.20
N GLY C 71 10.98 -39.33 -10.36
CA GLY C 71 11.42 -38.70 -11.58
C GLY C 71 11.40 -37.19 -11.59
N VAL C 72 11.10 -36.55 -10.46
CA VAL C 72 11.31 -35.11 -10.37
C VAL C 72 12.80 -34.82 -10.30
N PRO C 73 13.32 -33.90 -11.11
CA PRO C 73 14.75 -33.57 -11.02
C PRO C 73 15.16 -33.22 -9.59
N SER C 74 16.39 -33.57 -9.26
CA SER C 74 16.87 -33.33 -7.90
C SER C 74 16.98 -31.84 -7.58
N ASP C 75 17.07 -30.98 -8.59
CA ASP C 75 17.14 -29.56 -8.30
C ASP C 75 15.76 -28.92 -8.12
N LYS C 76 14.70 -29.71 -8.23
CA LYS C 76 13.35 -29.21 -8.01
C LYS C 76 12.57 -29.96 -6.93
N ALA C 77 12.81 -31.26 -6.75
CA ALA C 77 12.03 -32.05 -5.80
C ALA C 77 12.02 -31.41 -4.41
N GLY C 78 10.83 -31.25 -3.84
CA GLY C 78 10.70 -30.67 -2.52
C GLY C 78 10.88 -29.16 -2.44
N LYS C 79 11.02 -28.46 -3.56
CA LYS C 79 11.32 -27.03 -3.57
C LYS C 79 10.15 -26.27 -4.20
N CYS C 80 10.11 -24.95 -3.90
CA CYS C 80 9.08 -24.05 -4.40
C CYS C 80 9.74 -22.85 -5.05
N PHE C 81 9.06 -22.27 -6.05
CA PHE C 81 9.62 -21.22 -6.88
C PHE C 81 8.57 -20.14 -7.09
N LEU C 82 9.01 -18.89 -7.04
CA LEU C 82 8.21 -17.75 -7.47
C LEU C 82 8.39 -17.53 -8.96
N LYS C 83 7.30 -17.61 -9.71
CA LYS C 83 7.29 -17.41 -11.15
C LYS C 83 6.68 -16.04 -11.47
N ARG C 84 7.38 -15.24 -12.29
CA ARG C 84 6.84 -13.96 -12.74
C ARG C 84 7.01 -13.87 -14.25
N PHE C 85 6.41 -12.85 -14.84
CA PHE C 85 6.23 -12.82 -16.28
C PHE C 85 6.64 -11.45 -16.81
N SER C 86 6.85 -11.38 -18.12
CA SER C 86 7.15 -10.13 -18.80
C SER C 86 6.51 -10.12 -20.18
N GLY C 87 6.30 -8.90 -20.69
CA GLY C 87 5.81 -8.69 -22.02
C GLY C 87 4.35 -9.05 -22.26
N GLU C 88 3.59 -9.36 -21.21
CA GLU C 88 2.23 -9.92 -21.29
C GLU C 88 2.26 -11.32 -21.89
N ASP C 89 3.39 -12.00 -21.72
CA ASP C 89 3.70 -13.24 -22.39
C ASP C 89 3.83 -14.28 -21.29
N SER C 90 2.88 -15.21 -21.24
CA SER C 90 2.97 -16.33 -20.30
C SER C 90 4.18 -17.23 -20.56
N SER C 91 4.98 -16.95 -21.60
CA SER C 91 6.22 -17.68 -21.88
C SER C 91 7.47 -16.97 -21.40
N GLU C 92 7.48 -15.63 -21.33
CA GLU C 92 8.64 -14.89 -20.79
C GLU C 92 8.66 -14.98 -19.26
N ILE C 93 9.23 -16.06 -18.76
CA ILE C 93 9.07 -16.47 -17.37
C ILE C 93 10.37 -16.27 -16.62
N ASP C 94 10.28 -15.71 -15.42
CA ASP C 94 11.39 -15.67 -14.49
C ASP C 94 11.03 -16.56 -13.30
N GLU C 95 11.97 -17.41 -12.86
CA GLU C 95 11.74 -18.28 -11.70
C GLU C 95 12.79 -18.02 -10.64
N LYS C 96 12.35 -17.87 -9.40
CA LYS C 96 13.22 -17.59 -8.27
C LYS C 96 12.91 -18.60 -7.17
N GLU C 97 13.90 -19.37 -6.73
CA GLU C 97 13.60 -20.29 -5.65
C GLU C 97 13.27 -19.50 -4.37
N VAL C 98 12.21 -19.93 -3.66
CA VAL C 98 11.79 -19.29 -2.43
C VAL C 98 11.66 -20.38 -1.35
N SER C 99 11.74 -19.97 -0.08
CA SER C 99 11.69 -20.89 1.05
C SER C 99 10.27 -20.97 1.64
N LEU C 100 9.59 -22.09 1.39
CA LEU C 100 8.21 -22.32 1.79
C LEU C 100 8.10 -23.71 2.44
N PRO C 101 7.05 -23.96 3.21
CA PRO C 101 6.97 -25.23 3.95
C PRO C 101 6.33 -26.40 3.18
N ILE C 102 5.79 -26.18 1.98
CA ILE C 102 5.20 -27.27 1.19
C ILE C 102 6.33 -28.11 0.60
N LYS C 103 6.36 -29.40 0.94
CA LYS C 103 7.41 -30.29 0.48
C LYS C 103 6.92 -31.48 -0.34
N SER C 104 5.64 -31.83 -0.26
CA SER C 104 5.14 -33.08 -0.81
C SER C 104 3.71 -32.89 -1.29
N HIS C 105 3.35 -33.63 -2.36
CA HIS C 105 1.99 -33.64 -2.85
C HIS C 105 1.02 -34.31 -1.89
N ASN C 106 1.52 -34.98 -0.84
CA ASN C 106 0.67 -35.55 0.20
C ASN C 106 0.37 -34.55 1.33
N ASP C 107 1.01 -33.37 1.33
CA ASP C 107 0.83 -32.31 2.34
C ASP C 107 -0.52 -31.61 2.15
N ALA C 108 -1.23 -31.34 3.23
CA ALA C 108 -2.23 -30.27 3.19
C ALA C 108 -1.55 -28.91 3.10
N PHE C 109 -2.25 -27.92 2.55
CA PHE C 109 -1.60 -26.63 2.30
C PHE C 109 -2.63 -25.50 2.27
N MET C 110 -2.14 -24.26 2.49
CA MET C 110 -3.03 -23.10 2.49
C MET C 110 -2.20 -21.96 1.94
N PHE C 111 -2.84 -21.11 1.14
CA PHE C 111 -2.23 -19.86 0.68
C PHE C 111 -3.08 -18.71 1.18
N VAL C 112 -2.48 -17.73 1.87
CA VAL C 112 -3.28 -16.59 2.36
C VAL C 112 -2.58 -15.34 1.86
N CYS C 113 -3.19 -14.65 0.91
CA CYS C 113 -2.49 -13.58 0.20
C CYS C 113 -3.11 -12.24 0.49
N SER C 114 -2.28 -11.21 0.58
CA SER C 114 -2.80 -9.89 0.93
C SER C 114 -1.75 -8.85 0.52
N SER C 115 -2.16 -7.58 0.59
CA SER C 115 -1.28 -6.44 0.33
C SER C 115 -0.57 -6.00 1.61
N ASN C 116 0.68 -5.54 1.49
CA ASN C 116 1.27 -4.79 2.61
C ASN C 116 0.94 -3.29 2.40
N ASP C 117 1.40 -2.43 3.32
CA ASP C 117 1.08 -1.00 3.23
C ASP C 117 1.72 -0.35 2.02
N GLY C 118 2.80 -0.96 1.51
CA GLY C 118 3.48 -0.55 0.31
C GLY C 118 2.82 -1.04 -0.95
N SER C 119 1.65 -1.69 -0.85
CA SER C 119 0.80 -2.05 -1.99
C SER C 119 1.38 -3.16 -2.85
N ALA C 120 2.28 -3.98 -2.29
CA ALA C 120 2.75 -5.19 -2.95
C ALA C 120 2.08 -6.43 -2.35
N LEU C 121 1.93 -7.44 -3.18
CA LEU C 121 1.32 -8.70 -2.77
C LEU C 121 2.30 -9.58 -2.02
N GLN C 122 1.84 -10.13 -0.90
CA GLN C 122 2.60 -11.16 -0.17
C GLN C 122 1.66 -12.32 0.09
N CYS C 123 2.22 -13.51 0.28
CA CYS C 123 1.40 -14.67 0.65
C CYS C 123 2.02 -15.35 1.84
N ASP C 124 1.17 -15.77 2.77
CA ASP C 124 1.58 -16.73 3.77
C ASP C 124 1.28 -18.11 3.21
N VAL C 125 2.26 -19.01 3.26
CA VAL C 125 2.11 -20.33 2.69
C VAL C 125 2.23 -21.33 3.84
N PHE C 126 1.19 -22.14 4.04
CA PHE C 126 1.09 -23.11 5.13
C PHE C 126 1.18 -24.54 4.58
N ALA C 127 1.80 -25.44 5.37
CA ALA C 127 1.91 -26.85 4.99
C ALA C 127 1.77 -27.73 6.23
N LEU C 128 1.09 -28.85 6.07
CA LEU C 128 0.95 -29.82 7.16
C LEU C 128 1.38 -31.18 6.65
N ASP C 129 2.39 -31.77 7.27
CA ASP C 129 2.85 -33.11 6.90
C ASP C 129 1.96 -34.09 7.63
N ASN C 130 1.01 -34.72 6.92
CA ASN C 130 0.08 -35.58 7.63
C ASN C 130 0.69 -36.94 7.94
N THR C 131 1.91 -37.23 7.49
CA THR C 131 2.55 -38.46 7.94
C THR C 131 3.08 -38.36 9.36
N ASN C 132 3.32 -37.15 9.86
CA ASN C 132 3.79 -36.98 11.24
C ASN C 132 2.62 -36.50 12.06
N SER C 133 2.03 -37.38 12.86
CA SER C 133 0.90 -37.01 13.72
C SER C 133 1.29 -36.13 14.90
N ASN C 134 2.59 -35.92 15.11
CA ASN C 134 3.10 -35.33 16.35
C ASN C 134 3.58 -33.91 16.19
N ASP C 135 3.52 -33.37 14.98
CA ASP C 135 3.91 -31.98 14.75
C ASP C 135 2.89 -31.34 13.81
N GLY C 136 2.72 -30.04 13.93
CA GLY C 136 1.60 -29.41 13.24
C GLY C 136 1.93 -28.58 12.04
N TRP C 137 1.09 -27.56 11.81
CA TRP C 137 1.25 -26.68 10.66
C TRP C 137 2.56 -25.90 10.73
N LYS C 138 3.16 -25.67 9.56
CA LYS C 138 4.27 -24.74 9.36
C LYS C 138 3.86 -23.63 8.40
N VAL C 139 4.47 -22.45 8.56
CA VAL C 139 4.11 -21.33 7.69
C VAL C 139 5.37 -20.55 7.35
N ASN C 140 5.37 -19.99 6.15
CA ASN C 140 6.32 -18.94 5.82
C ASN C 140 5.62 -17.82 5.05
N THR C 141 6.11 -16.60 5.21
CA THR C 141 5.66 -15.51 4.35
C THR C 141 6.61 -15.34 3.17
N VAL C 142 6.06 -15.09 1.98
CA VAL C 142 6.87 -14.84 0.80
C VAL C 142 6.37 -13.57 0.12
N ASP C 143 7.32 -12.74 -0.38
CA ASP C 143 6.97 -11.58 -1.19
C ASP C 143 6.75 -12.03 -2.63
N LEU C 144 5.55 -11.76 -3.19
CA LEU C 144 5.38 -12.09 -4.59
C LEU C 144 6.05 -11.08 -5.52
N GLY C 145 6.49 -9.93 -4.99
CA GLY C 145 7.19 -8.96 -5.83
C GLY C 145 6.41 -8.50 -7.04
N VAL C 146 5.12 -8.24 -6.85
CA VAL C 146 4.23 -7.70 -7.86
C VAL C 146 3.30 -6.78 -7.10
N SER C 147 2.78 -5.79 -7.79
CA SER C 147 1.91 -4.80 -7.15
C SER C 147 0.52 -5.37 -7.00
N VAL C 148 -0.19 -4.92 -5.95
CA VAL C 148 -1.63 -5.19 -5.86
C VAL C 148 -2.34 -4.26 -6.83
N SER C 149 -2.78 -4.82 -7.92
CA SER C 149 -3.42 -4.20 -9.06
C SER C 149 -4.93 -4.47 -8.99
N PRO C 150 -5.76 -3.79 -9.78
CA PRO C 150 -7.21 -4.06 -9.72
C PRO C 150 -7.59 -5.38 -10.35
N ASP C 151 -8.64 -5.98 -9.81
CA ASP C 151 -9.28 -7.15 -10.41
C ASP C 151 -8.35 -8.36 -10.48
N LEU C 152 -7.53 -8.55 -9.46
CA LEU C 152 -6.74 -9.77 -9.37
C LEU C 152 -7.62 -11.02 -9.31
N ALA C 153 -7.11 -12.12 -9.81
CA ALA C 153 -7.73 -13.44 -9.63
C ALA C 153 -6.68 -14.40 -9.07
N PHE C 154 -7.15 -15.32 -8.22
CA PHE C 154 -6.30 -16.27 -7.47
C PHE C 154 -6.86 -17.66 -7.62
N GLY C 155 -5.99 -18.65 -7.78
CA GLY C 155 -6.51 -20.01 -7.82
C GLY C 155 -5.38 -21.02 -7.80
N LEU C 156 -5.73 -22.29 -8.06
CA LEU C 156 -4.76 -23.38 -8.16
C LEU C 156 -4.81 -24.02 -9.52
N THR C 157 -3.64 -24.41 -10.03
CA THR C 157 -3.50 -25.29 -11.20
C THR C 157 -2.75 -26.52 -10.75
N ALA C 158 -3.45 -27.65 -10.67
CA ALA C 158 -2.77 -28.90 -10.34
C ALA C 158 -3.69 -30.04 -10.71
N ASP C 159 -3.09 -31.21 -10.88
CA ASP C 159 -3.82 -32.41 -11.27
C ASP C 159 -4.19 -33.12 -9.97
N GLY C 160 -5.47 -33.09 -9.63
CA GLY C 160 -5.97 -33.91 -8.55
C GLY C 160 -6.01 -33.25 -7.19
N VAL C 161 -6.11 -31.91 -7.13
CA VAL C 161 -6.16 -31.23 -5.83
C VAL C 161 -7.31 -31.78 -5.02
N LYS C 162 -7.03 -32.09 -3.76
CA LYS C 162 -8.04 -32.66 -2.88
C LYS C 162 -8.69 -31.58 -2.04
N VAL C 163 -10.03 -31.58 -2.03
CA VAL C 163 -10.87 -30.76 -1.15
C VAL C 163 -10.48 -29.29 -1.31
N LYS C 164 -10.33 -28.83 -2.55
CA LYS C 164 -9.93 -27.43 -2.75
C LYS C 164 -11.04 -26.48 -2.25
N LYS C 165 -10.66 -25.51 -1.40
CA LYS C 165 -11.60 -24.49 -0.94
C LYS C 165 -11.01 -23.10 -1.16
N LEU C 166 -11.91 -22.14 -1.40
CA LEU C 166 -11.53 -20.76 -1.73
C LEU C 166 -12.30 -19.78 -0.85
N TYR C 167 -11.62 -18.75 -0.33
CA TYR C 167 -12.24 -17.78 0.56
C TYR C 167 -11.76 -16.39 0.24
N ALA C 168 -12.59 -15.39 0.54
CA ALA C 168 -12.13 -14.01 0.48
C ALA C 168 -12.82 -13.16 1.54
N SER C 169 -12.16 -12.07 1.93
CA SER C 169 -12.78 -11.06 2.80
C SER C 169 -14.18 -10.72 2.30
N SER C 170 -15.16 -10.74 3.20
CA SER C 170 -16.55 -10.58 2.78
C SER C 170 -16.75 -9.27 2.03
N GLY C 171 -16.18 -8.17 2.55
CA GLY C 171 -16.23 -6.87 1.90
C GLY C 171 -15.48 -6.77 0.59
N LEU C 172 -14.62 -7.74 0.30
CA LEU C 172 -14.06 -7.85 -1.04
C LEU C 172 -15.14 -8.37 -1.94
N THR C 173 -15.52 -7.62 -2.94
CA THR C 173 -16.47 -8.21 -3.85
C THR C 173 -15.69 -9.21 -4.67
N ALA C 174 -16.20 -10.44 -4.74
CA ALA C 174 -15.58 -11.51 -5.50
C ALA C 174 -16.63 -12.07 -6.44
N ILE C 175 -16.26 -12.28 -7.70
CA ILE C 175 -17.22 -12.83 -8.67
C ILE C 175 -17.80 -14.12 -8.12
N ASN C 176 -19.12 -14.21 -8.08
CA ASN C 176 -19.77 -15.46 -7.71
C ASN C 176 -20.76 -15.91 -8.77
N ASP C 177 -20.74 -15.22 -9.91
CA ASP C 177 -21.75 -15.17 -10.96
C ASP C 177 -21.41 -16.04 -12.16
N ASP C 178 -20.13 -16.08 -12.52
CA ASP C 178 -19.60 -16.42 -13.82
C ASP C 178 -19.52 -17.94 -13.97
N PRO C 179 -20.36 -18.53 -14.81
CA PRO C 179 -20.32 -19.98 -15.00
C PRO C 179 -18.98 -20.49 -15.46
N SER C 180 -18.20 -19.66 -16.15
CA SER C 180 -16.88 -20.08 -16.60
C SER C 180 -15.87 -20.17 -15.48
N LEU C 181 -16.14 -19.55 -14.34
CA LEU C 181 -15.28 -19.69 -13.17
C LEU C 181 -15.69 -20.86 -12.28
N GLY C 182 -16.62 -21.70 -12.75
CA GLY C 182 -17.11 -22.81 -11.94
C GLY C 182 -18.03 -22.40 -10.82
N CYS C 183 -18.58 -21.19 -10.86
CA CYS C 183 -19.42 -20.70 -9.77
C CYS C 183 -20.73 -21.52 -9.69
N LYS C 184 -21.20 -21.74 -8.46
CA LYS C 184 -22.38 -22.57 -8.20
C LYS C 184 -23.46 -21.77 -7.50
#